data_2OBV
#
_entry.id   2OBV
#
_cell.length_a   66.404
_cell.length_b   95.016
_cell.length_c   115.773
_cell.angle_alpha   90.00
_cell.angle_beta   90.00
_cell.angle_gamma   90.00
#
_symmetry.space_group_name_H-M   'I 2 2 2'
#
loop_
_entity.id
_entity.type
_entity.pdbx_description
1 polymer 'S-adenosylmethionine synthetase isoform type-1'
2 non-polymer 'SODIUM ION'
3 non-polymer S-ADENOSYLMETHIONINE
4 non-polymer 'TETRAETHYLENE GLYCOL'
5 water water
#
_entity_poly.entity_id   1
_entity_poly.type   'polypeptide(L)'
_entity_poly.pdbx_seq_one_letter_code
;FQSMGVFMFTSESVGEGHPDKICDQISDAVLDAHLKQDPNAKVACETVCKTGMVLLCGEITSMAMVDYQRVVRDTIKHIG
YDDSAKGFDFKTCNVLVALEQQSPDIAQCVHLDRNEEDVGAGDQGLMFGYATDETEECMPLTIILAHKLNARMADLRRSG
LLPWLRPDSKTQVTVQYMQDNGAVIPVRIHTIVISVQHNEDITLEEMRRALKEQVIRAVVPAKYLDEDTVYHLQPSGRFV
IGGPQGDAGVTGRKIIVDTYGGWGAHGGGAFSGKDYTKVDRSAAYAARWVAKSLVKAGLCRRVLVQVSYAIGVAEPLSIS
IFTYGTSQKTERELLDVVHKNFDLRPGVIVRDLDLKKPIYQKTACYGHFGRSEFPWEVPRKLVF
;
_entity_poly.pdbx_strand_id   A
#
# COMPACT_ATOMS: atom_id res chain seq x y z
N PHE A 1 -16.68 30.56 7.32
CA PHE A 1 -15.53 31.49 7.47
C PHE A 1 -14.54 31.30 6.31
N GLN A 2 -13.97 32.40 5.83
CA GLN A 2 -12.93 32.35 4.78
C GLN A 2 -11.79 31.37 5.12
N SER A 3 -11.40 31.32 6.40
CA SER A 3 -10.30 30.46 6.86
C SER A 3 -10.54 28.97 6.60
N MET A 4 -11.80 28.57 6.56
CA MET A 4 -12.14 27.17 6.35
C MET A 4 -11.88 26.66 4.96
N GLY A 5 -11.79 27.54 3.96
CA GLY A 5 -11.35 27.15 2.60
C GLY A 5 -11.77 25.74 2.20
N VAL A 6 -13.09 25.55 2.07
CA VAL A 6 -13.67 24.25 1.74
C VAL A 6 -13.17 23.73 0.39
N PHE A 7 -12.79 22.45 0.36
CA PHE A 7 -12.28 21.82 -0.85
C PHE A 7 -12.62 20.34 -0.90
N MET A 8 -12.62 19.80 -2.12
CA MET A 8 -12.80 18.37 -2.40
CA MET A 8 -12.79 18.37 -2.29
C MET A 8 -11.43 17.72 -2.53
N PHE A 9 -11.33 16.46 -2.13
CA PHE A 9 -10.15 15.67 -2.40
C PHE A 9 -10.58 14.20 -2.58
N THR A 10 -10.02 13.59 -3.60
CA THR A 10 -10.33 12.22 -4.00
C THR A 10 -9.16 11.27 -3.84
N SER A 11 -9.45 10.08 -3.30
CA SER A 11 -8.53 8.92 -3.27
C SER A 11 -9.27 7.66 -3.73
N GLU A 12 -8.51 6.68 -4.21
CA GLU A 12 -9.06 5.35 -4.57
C GLU A 12 -8.33 4.24 -3.85
N SER A 13 -8.90 3.05 -3.90
CA SER A 13 -8.27 1.82 -3.45
C SER A 13 -8.79 0.70 -4.32
N VAL A 14 -8.15 -0.47 -4.24
CA VAL A 14 -8.59 -1.61 -5.04
C VAL A 14 -8.61 -2.86 -4.16
N GLY A 15 -9.29 -3.90 -4.61
CA GLY A 15 -9.40 -5.11 -3.83
C GLY A 15 -8.32 -6.14 -4.14
N GLU A 16 -8.37 -7.26 -3.41
CA GLU A 16 -7.37 -8.31 -3.52
C GLU A 16 -7.23 -8.96 -4.92
N GLY A 17 -8.30 -8.92 -5.70
CA GLY A 17 -8.35 -9.54 -7.02
C GLY A 17 -8.12 -8.59 -8.17
N HIS A 18 -7.99 -7.30 -7.91
CA HIS A 18 -7.52 -6.37 -8.91
C HIS A 18 -6.16 -6.88 -9.38
N PRO A 19 -5.95 -6.98 -10.72
CA PRO A 19 -4.77 -7.65 -11.26
C PRO A 19 -3.42 -7.03 -10.87
N ASP A 20 -3.33 -5.71 -10.77
CA ASP A 20 -2.14 -5.05 -10.24
C ASP A 20 -1.87 -5.51 -8.80
N LYS A 21 -2.92 -5.53 -7.99
CA LYS A 21 -2.82 -5.98 -6.61
C LYS A 21 -2.54 -7.48 -6.46
N ILE A 22 -3.09 -8.31 -7.35
CA ILE A 22 -2.71 -9.74 -7.38
C ILE A 22 -1.18 -9.84 -7.47
N CYS A 23 -0.58 -9.02 -8.33
CA CYS A 23 0.86 -9.04 -8.56
C CYS A 23 1.67 -8.62 -7.34
N ASP A 24 1.22 -7.55 -6.67
CA ASP A 24 1.87 -7.12 -5.45
C ASP A 24 1.82 -8.20 -4.39
N GLN A 25 0.66 -8.84 -4.24
CA GLN A 25 0.49 -9.91 -3.25
C GLN A 25 1.36 -11.12 -3.57
N ILE A 26 1.43 -11.50 -4.84
CA ILE A 26 2.28 -12.60 -5.26
C ILE A 26 3.79 -12.26 -5.04
N SER A 27 4.20 -11.07 -5.45
CA SER A 27 5.61 -10.63 -5.26
C SER A 27 6.02 -10.67 -3.80
N ASP A 28 5.11 -10.20 -2.93
CA ASP A 28 5.32 -10.26 -1.47
C ASP A 28 5.17 -11.63 -0.81
N ALA A 29 4.34 -12.49 -1.39
CA ALA A 29 4.29 -13.87 -0.96
C ALA A 29 5.63 -14.59 -1.26
N VAL A 30 6.22 -14.28 -2.42
CA VAL A 30 7.53 -14.84 -2.81
C VAL A 30 8.61 -14.31 -1.85
N LEU A 31 8.57 -13.02 -1.55
CA LEU A 31 9.49 -12.44 -0.57
C LEU A 31 9.40 -13.15 0.80
N ASP A 32 8.18 -13.27 1.31
CA ASP A 32 7.95 -13.92 2.58
C ASP A 32 8.49 -15.35 2.59
N ALA A 33 8.23 -16.09 1.51
CA ALA A 33 8.66 -17.47 1.40
C ALA A 33 10.18 -17.56 1.53
N HIS A 34 10.88 -16.63 0.89
CA HIS A 34 12.36 -16.58 1.00
C HIS A 34 12.83 -16.24 2.42
N LEU A 35 12.25 -15.21 3.00
CA LEU A 35 12.65 -14.76 4.35
C LEU A 35 12.45 -15.79 5.45
N LYS A 36 11.43 -16.65 5.31
CA LYS A 36 11.18 -17.73 6.26
C LYS A 36 12.35 -18.69 6.33
N GLN A 37 13.06 -18.85 5.21
CA GLN A 37 14.23 -19.75 5.17
C GLN A 37 15.57 -19.02 5.28
N ASP A 38 15.63 -17.83 4.69
CA ASP A 38 16.84 -17.02 4.59
C ASP A 38 16.48 -15.58 4.90
N PRO A 39 16.65 -15.16 6.17
CA PRO A 39 16.33 -13.79 6.59
C PRO A 39 17.08 -12.70 5.83
N ASN A 40 18.21 -13.04 5.22
CA ASN A 40 19.03 -12.09 4.44
C ASN A 40 18.89 -12.23 2.94
N ALA A 41 17.82 -12.88 2.50
CA ALA A 41 17.49 -12.97 1.07
C ALA A 41 17.48 -11.59 0.39
N LYS A 42 18.11 -11.52 -0.78
CA LYS A 42 18.04 -10.37 -1.65
C LYS A 42 16.97 -10.68 -2.70
N VAL A 43 15.88 -9.91 -2.69
CA VAL A 43 14.68 -10.20 -3.50
C VAL A 43 14.25 -8.94 -4.23
N ALA A 44 14.06 -9.08 -5.54
CA ALA A 44 13.49 -8.05 -6.39
C ALA A 44 12.57 -8.77 -7.39
N CYS A 45 11.40 -9.17 -6.88
CA CYS A 45 10.50 -10.02 -7.64
C CYS A 45 9.37 -9.22 -8.25
N GLU A 46 9.37 -9.08 -9.58
CA GLU A 46 8.24 -8.52 -10.29
C GLU A 46 7.29 -9.63 -10.73
N THR A 47 5.99 -9.36 -10.65
CA THR A 47 4.96 -10.28 -11.12
C THR A 47 4.13 -9.59 -12.20
N VAL A 48 3.81 -10.34 -13.25
CA VAL A 48 2.93 -9.85 -14.29
C VAL A 48 1.81 -10.87 -14.43
N CYS A 49 0.58 -10.41 -14.61
CA CYS A 49 -0.54 -11.32 -14.80
CA CYS A 49 -0.56 -11.30 -14.77
C CYS A 49 -1.46 -10.88 -15.94
N LYS A 50 -1.98 -11.87 -16.64
CA LYS A 50 -2.92 -11.66 -17.71
C LYS A 50 -3.69 -12.97 -17.80
N THR A 51 -4.69 -13.07 -18.67
CA THR A 51 -5.50 -14.26 -18.81
C THR A 51 -4.65 -15.53 -18.71
N GLY A 52 -4.89 -16.32 -17.68
CA GLY A 52 -4.27 -17.62 -17.54
C GLY A 52 -2.79 -17.62 -17.15
N MET A 53 -2.18 -16.45 -16.92
CA MET A 53 -0.72 -16.37 -16.75
C MET A 53 -0.29 -15.57 -15.52
N VAL A 54 0.64 -16.16 -14.77
CA VAL A 54 1.44 -15.45 -13.79
C VAL A 54 2.89 -15.63 -14.24
N LEU A 55 3.55 -14.50 -14.46
CA LEU A 55 4.99 -14.45 -14.77
C LEU A 55 5.75 -13.81 -13.61
N LEU A 56 6.71 -14.55 -13.05
CA LEU A 56 7.66 -14.03 -12.08
C LEU A 56 8.95 -13.64 -12.80
N CYS A 57 9.45 -12.44 -12.53
CA CYS A 57 10.55 -11.85 -13.27
CA CYS A 57 10.68 -12.01 -13.16
C CYS A 57 11.39 -10.96 -12.32
N GLY A 58 12.70 -11.02 -12.37
CA GLY A 58 13.51 -10.18 -11.50
C GLY A 58 14.70 -10.95 -10.96
N GLU A 59 15.13 -10.57 -9.77
CA GLU A 59 16.40 -11.01 -9.25
C GLU A 59 16.29 -11.46 -7.81
N ILE A 60 16.74 -12.69 -7.56
CA ILE A 60 16.74 -13.24 -6.21
C ILE A 60 18.05 -13.96 -5.98
N THR A 61 18.74 -13.57 -4.91
CA THR A 61 19.89 -14.31 -4.39
C THR A 61 19.61 -14.71 -2.95
N SER A 62 19.50 -16.01 -2.73
CA SER A 62 18.95 -16.52 -1.48
C SER A 62 19.37 -17.96 -1.28
N MET A 63 19.49 -18.37 -0.02
CA MET A 63 19.74 -19.75 0.31
C MET A 63 18.45 -20.55 0.44
N ALA A 64 17.30 -19.90 0.28
CA ALA A 64 16.02 -20.60 0.42
C ALA A 64 15.73 -21.50 -0.80
N MET A 65 15.02 -22.59 -0.55
CA MET A 65 14.48 -23.48 -1.58
C MET A 65 12.98 -23.24 -1.59
N VAL A 66 12.53 -22.46 -2.56
CA VAL A 66 11.15 -22.02 -2.66
C VAL A 66 10.44 -22.69 -3.83
N ASP A 67 9.25 -23.22 -3.55
CA ASP A 67 8.37 -23.84 -4.56
C ASP A 67 7.48 -22.72 -5.13
N TYR A 68 7.95 -22.12 -6.23
CA TYR A 68 7.25 -20.94 -6.77
C TYR A 68 5.84 -21.28 -7.25
N GLN A 69 5.66 -22.48 -7.80
CA GLN A 69 4.32 -22.96 -8.22
C GLN A 69 3.32 -22.92 -7.05
N ARG A 70 3.70 -23.51 -5.92
CA ARG A 70 2.87 -23.54 -4.71
C ARG A 70 2.64 -22.14 -4.13
N VAL A 71 3.67 -21.30 -4.05
CA VAL A 71 3.53 -19.95 -3.47
C VAL A 71 2.56 -19.10 -4.29
N VAL A 72 2.74 -19.12 -5.60
CA VAL A 72 1.86 -18.44 -6.51
C VAL A 72 0.42 -18.96 -6.39
N ARG A 73 0.26 -20.26 -6.53
CA ARG A 73 -1.07 -20.88 -6.54
C ARG A 73 -1.81 -20.73 -5.19
N ASP A 74 -1.09 -20.78 -4.06
CA ASP A 74 -1.70 -20.55 -2.75
C ASP A 74 -2.21 -19.12 -2.65
N THR A 75 -1.45 -18.18 -3.21
CA THR A 75 -1.80 -16.78 -3.13
C THR A 75 -3.08 -16.52 -3.94
N ILE A 76 -3.13 -17.06 -5.16
CA ILE A 76 -4.32 -16.89 -6.00
C ILE A 76 -5.55 -17.56 -5.37
N LYS A 77 -5.35 -18.75 -4.80
CA LYS A 77 -6.39 -19.41 -4.02
C LYS A 77 -6.94 -18.49 -2.90
N HIS A 78 -6.06 -17.90 -2.11
CA HIS A 78 -6.44 -17.05 -0.99
C HIS A 78 -7.29 -15.86 -1.46
N ILE A 79 -6.87 -15.23 -2.56
CA ILE A 79 -7.56 -14.09 -3.14
C ILE A 79 -9.00 -14.45 -3.58
N GLY A 80 -9.16 -15.69 -4.04
CA GLY A 80 -10.48 -16.23 -4.37
C GLY A 80 -10.67 -16.66 -5.81
N TYR A 81 -9.59 -16.67 -6.60
CA TYR A 81 -9.69 -17.10 -8.01
C TYR A 81 -9.50 -18.59 -8.14
N ASP A 82 -10.61 -19.31 -8.16
CA ASP A 82 -10.62 -20.77 -8.02
C ASP A 82 -11.55 -21.49 -9.00
N ASP A 83 -11.92 -20.83 -10.10
CA ASP A 83 -12.76 -21.47 -11.09
C ASP A 83 -12.78 -20.66 -12.36
N SER A 84 -12.90 -21.35 -13.50
CA SER A 84 -12.95 -20.70 -14.80
C SER A 84 -14.10 -19.71 -14.94
N ALA A 85 -15.22 -19.94 -14.23
CA ALA A 85 -16.37 -19.02 -14.27
C ALA A 85 -16.00 -17.64 -13.79
N LYS A 86 -15.04 -17.56 -12.88
CA LYS A 86 -14.54 -16.30 -12.34
C LYS A 86 -13.47 -15.59 -13.21
N GLY A 87 -13.00 -16.26 -14.26
CA GLY A 87 -11.99 -15.72 -15.18
C GLY A 87 -10.56 -16.12 -14.86
N PHE A 88 -10.38 -16.80 -13.71
CA PHE A 88 -9.05 -17.17 -13.25
C PHE A 88 -9.13 -18.27 -12.18
N ASP A 89 -8.23 -19.25 -12.31
CA ASP A 89 -8.18 -20.40 -11.43
C ASP A 89 -6.76 -20.79 -11.01
N PHE A 90 -6.49 -20.73 -9.70
CA PHE A 90 -5.19 -21.17 -9.13
C PHE A 90 -4.77 -22.60 -9.53
N LYS A 91 -5.75 -23.48 -9.76
CA LYS A 91 -5.47 -24.87 -10.09
C LYS A 91 -4.94 -25.04 -11.50
N THR A 92 -5.33 -24.16 -12.41
CA THR A 92 -5.17 -24.45 -13.86
C THR A 92 -4.46 -23.33 -14.64
N CYS A 93 -4.05 -22.27 -13.95
CA CYS A 93 -3.31 -21.20 -14.62
C CYS A 93 -1.85 -21.60 -14.90
N ASN A 94 -1.22 -20.84 -15.78
CA ASN A 94 0.20 -20.97 -16.11
C ASN A 94 1.03 -20.12 -15.13
N VAL A 95 2.02 -20.75 -14.52
CA VAL A 95 3.05 -20.04 -13.76
C VAL A 95 4.39 -20.20 -14.48
N LEU A 96 4.94 -19.05 -14.88
CA LEU A 96 6.17 -18.94 -15.67
C LEU A 96 7.19 -18.19 -14.82
N VAL A 97 8.41 -18.69 -14.78
CA VAL A 97 9.45 -18.13 -13.91
C VAL A 97 10.73 -17.75 -14.70
N ALA A 98 11.09 -16.46 -14.59
CA ALA A 98 12.25 -15.84 -15.26
C ALA A 98 13.08 -15.10 -14.23
N LEU A 99 13.62 -15.84 -13.29
CA LEU A 99 14.30 -15.26 -12.13
C LEU A 99 15.78 -15.61 -12.20
N GLU A 100 16.62 -14.61 -11.98
CA GLU A 100 18.07 -14.75 -11.97
C GLU A 100 18.65 -14.22 -10.66
N GLN A 101 19.93 -14.43 -10.48
CA GLN A 101 20.64 -13.86 -9.33
C GLN A 101 20.69 -12.35 -9.49
N GLN A 102 20.75 -11.66 -8.37
CA GLN A 102 21.08 -10.24 -8.35
C GLN A 102 22.38 -9.97 -9.12
N SER A 103 22.41 -8.86 -9.86
CA SER A 103 23.65 -8.41 -10.51
C SER A 103 24.83 -8.35 -9.51
N PRO A 104 25.95 -9.02 -9.85
CA PRO A 104 27.14 -8.91 -9.01
C PRO A 104 27.67 -7.49 -8.89
N ASP A 105 27.42 -6.65 -9.91
CA ASP A 105 27.81 -5.22 -9.86
C ASP A 105 26.99 -4.46 -8.82
N ILE A 106 25.73 -4.83 -8.64
CA ILE A 106 24.92 -4.28 -7.56
C ILE A 106 25.35 -4.87 -6.20
N ALA A 107 25.41 -6.19 -6.12
CA ALA A 107 25.85 -6.88 -4.89
C ALA A 107 27.14 -6.30 -4.29
N GLN A 108 28.16 -6.12 -5.13
CA GLN A 108 29.47 -5.67 -4.68
C GLN A 108 29.47 -4.29 -4.00
N CYS A 109 28.58 -3.38 -4.40
CA CYS A 109 28.55 -2.07 -3.76
C CYS A 109 27.51 -1.94 -2.65
N VAL A 110 26.49 -2.79 -2.65
CA VAL A 110 25.38 -2.62 -1.70
C VAL A 110 25.67 -3.32 -0.39
N HIS A 111 25.98 -4.61 -0.48
CA HIS A 111 26.04 -5.44 0.73
C HIS A 111 27.23 -6.35 0.85
N LEU A 112 27.92 -6.65 -0.25
CA LEU A 112 29.01 -7.65 -0.20
C LEU A 112 30.13 -7.18 0.71
N ASP A 113 30.51 -8.02 1.67
CA ASP A 113 31.58 -7.72 2.65
C ASP A 113 31.28 -6.55 3.58
N ARG A 114 30.03 -6.13 3.63
CA ARG A 114 29.65 -5.04 4.52
C ARG A 114 29.11 -5.51 5.87
N ASN A 115 29.27 -4.68 6.89
CA ASN A 115 28.63 -4.88 8.18
C ASN A 115 27.18 -4.44 8.01
N GLU A 116 26.26 -5.19 8.60
CA GLU A 116 24.82 -4.93 8.38
C GLU A 116 24.40 -3.49 8.68
N GLU A 117 24.87 -2.92 9.80
CA GLU A 117 24.52 -1.55 10.17
C GLU A 117 24.86 -0.54 9.06
N ASP A 118 25.98 -0.76 8.39
CA ASP A 118 26.38 0.14 7.30
C ASP A 118 26.16 -0.43 5.90
N VAL A 119 25.15 -1.29 5.75
CA VAL A 119 24.73 -1.73 4.43
C VAL A 119 24.36 -0.49 3.59
N GLY A 120 24.80 -0.48 2.33
CA GLY A 120 24.50 0.61 1.44
C GLY A 120 23.06 0.59 1.02
N ALA A 121 22.54 1.75 0.66
CA ALA A 121 21.24 1.84 -0.01
C ALA A 121 21.25 0.93 -1.24
N GLY A 122 20.19 0.18 -1.45
CA GLY A 122 20.13 -0.78 -2.57
C GLY A 122 19.97 -0.11 -3.93
N ASP A 123 19.70 1.20 -3.94
CA ASP A 123 19.58 1.99 -5.17
C ASP A 123 19.63 3.46 -4.75
N GLN A 124 19.76 4.37 -5.72
CA GLN A 124 19.38 5.77 -5.48
C GLN A 124 17.87 5.84 -5.38
N GLY A 125 17.38 6.99 -4.93
CA GLY A 125 15.98 7.31 -5.01
C GLY A 125 15.55 8.29 -3.92
N LEU A 126 14.31 8.73 -4.05
CA LEU A 126 13.69 9.66 -3.12
C LEU A 126 12.44 8.96 -2.60
N MET A 127 12.13 9.21 -1.32
CA MET A 127 10.99 8.60 -0.65
C MET A 127 10.35 9.62 0.27
N PHE A 128 9.03 9.57 0.38
CA PHE A 128 8.32 10.46 1.26
C PHE A 128 7.56 9.67 2.35
N GLY A 129 7.43 10.29 3.51
CA GLY A 129 6.51 9.88 4.58
C GLY A 129 5.51 10.99 4.84
N TYR A 130 4.30 10.63 5.23
CA TYR A 130 3.20 11.59 5.46
C TYR A 130 2.36 11.15 6.65
N ALA A 131 1.91 12.15 7.43
CA ALA A 131 0.95 11.91 8.49
C ALA A 131 0.04 13.15 8.64
N THR A 132 -1.19 12.89 9.08
CA THR A 132 -2.21 13.91 9.32
C THR A 132 -3.01 13.52 10.56
N ASP A 133 -3.28 14.48 11.43
CA ASP A 133 -4.06 14.23 12.63
C ASP A 133 -5.56 14.06 12.42
N GLU A 134 -6.02 13.95 11.16
CA GLU A 134 -7.46 13.97 10.85
C GLU A 134 -8.18 12.69 11.26
N THR A 135 -7.42 11.60 11.36
CA THR A 135 -7.91 10.34 11.89
C THR A 135 -6.94 9.87 12.97
N GLU A 136 -7.43 9.00 13.85
CA GLU A 136 -6.60 8.39 14.90
C GLU A 136 -5.35 7.69 14.39
N GLU A 137 -5.49 6.97 13.30
CA GLU A 137 -4.37 6.27 12.68
C GLU A 137 -3.47 7.22 11.86
N CYS A 138 -3.79 8.52 11.86
CA CYS A 138 -2.94 9.58 11.29
C CYS A 138 -2.84 9.47 9.77
N MET A 139 -3.95 9.10 9.13
CA MET A 139 -3.99 8.91 7.69
C MET A 139 -5.14 9.75 7.11
N PRO A 140 -5.07 10.08 5.81
CA PRO A 140 -6.22 10.77 5.20
C PRO A 140 -7.51 9.91 5.22
N LEU A 141 -8.65 10.54 5.49
CA LEU A 141 -9.92 9.82 5.54
C LEU A 141 -10.28 9.20 4.19
N THR A 142 -9.96 9.92 3.13
CA THR A 142 -10.28 9.49 1.77
C THR A 142 -9.73 8.10 1.46
N ILE A 143 -8.44 7.90 1.73
CA ILE A 143 -7.78 6.65 1.44
C ILE A 143 -8.22 5.54 2.42
N ILE A 144 -8.34 5.86 3.70
CA ILE A 144 -8.78 4.86 4.66
C ILE A 144 -10.18 4.33 4.31
N LEU A 145 -11.11 5.23 4.02
CA LEU A 145 -12.45 4.81 3.61
C LEU A 145 -12.39 3.96 2.36
N ALA A 146 -11.60 4.36 1.36
CA ALA A 146 -11.51 3.60 0.09
C ALA A 146 -11.05 2.16 0.33
N HIS A 147 -10.02 2.00 1.17
CA HIS A 147 -9.50 0.68 1.57
C HIS A 147 -10.57 -0.18 2.25
N LYS A 148 -11.26 0.41 3.23
CA LYS A 148 -12.25 -0.30 4.00
C LYS A 148 -13.42 -0.72 3.15
N LEU A 149 -13.79 0.06 2.13
CA LEU A 149 -14.88 -0.37 1.25
C LEU A 149 -14.51 -1.68 0.50
N ASN A 150 -13.27 -1.78 0.02
CA ASN A 150 -12.80 -3.00 -0.62
C ASN A 150 -12.73 -4.18 0.36
N ALA A 151 -12.23 -3.93 1.58
CA ALA A 151 -12.13 -4.97 2.62
C ALA A 151 -13.50 -5.50 3.01
N ARG A 152 -14.49 -4.60 3.07
CA ARG A 152 -15.86 -4.98 3.39
C ARG A 152 -16.45 -5.90 2.30
N MET A 153 -16.23 -5.58 1.03
CA MET A 153 -16.73 -6.44 -0.04
C MET A 153 -16.07 -7.82 0.05
N ALA A 154 -14.75 -7.86 0.26
CA ALA A 154 -14.04 -9.13 0.48
C ALA A 154 -14.61 -9.94 1.65
N ASP A 155 -14.90 -9.27 2.77
CA ASP A 155 -15.51 -9.93 3.93
C ASP A 155 -16.85 -10.56 3.61
N LEU A 156 -17.71 -9.79 2.92
CA LEU A 156 -19.06 -10.26 2.53
C LEU A 156 -19.05 -11.31 1.42
N ARG A 157 -18.03 -11.26 0.56
CA ARG A 157 -17.81 -12.30 -0.43
C ARG A 157 -17.47 -13.63 0.26
N ARG A 158 -16.55 -13.57 1.21
CA ARG A 158 -16.08 -14.75 1.90
C ARG A 158 -17.08 -15.34 2.89
N SER A 159 -17.90 -14.49 3.50
CA SER A 159 -18.88 -14.97 4.46
C SER A 159 -20.06 -15.59 3.72
N GLY A 160 -20.24 -15.23 2.45
CA GLY A 160 -21.39 -15.66 1.68
C GLY A 160 -22.63 -14.79 1.87
N LEU A 161 -22.50 -13.62 2.52
CA LEU A 161 -23.64 -12.69 2.58
C LEU A 161 -23.98 -12.18 1.17
N LEU A 162 -22.94 -11.85 0.40
CA LEU A 162 -23.09 -11.40 -0.98
C LEU A 162 -22.29 -12.34 -1.90
N PRO A 163 -22.85 -13.53 -2.18
CA PRO A 163 -22.08 -14.57 -2.84
C PRO A 163 -21.84 -14.34 -4.33
N TRP A 164 -22.49 -13.34 -4.91
CA TRP A 164 -22.28 -12.93 -6.29
C TRP A 164 -21.03 -12.11 -6.47
N LEU A 165 -20.42 -11.63 -5.37
CA LEU A 165 -19.18 -10.83 -5.43
C LEU A 165 -18.01 -11.68 -5.88
N ARG A 166 -17.20 -11.10 -6.77
CA ARG A 166 -15.95 -11.70 -7.19
CA ARG A 166 -15.96 -11.70 -7.18
C ARG A 166 -14.80 -10.84 -6.66
N PRO A 167 -13.53 -11.36 -6.72
CA PRO A 167 -12.40 -10.69 -6.05
C PRO A 167 -11.89 -9.33 -6.56
N ASP A 168 -12.06 -9.05 -7.85
CA ASP A 168 -11.60 -7.81 -8.46
C ASP A 168 -12.61 -6.70 -8.12
N SER A 169 -12.12 -5.66 -7.46
CA SER A 169 -12.93 -4.50 -7.06
C SER A 169 -12.09 -3.20 -7.08
N LYS A 170 -12.78 -2.09 -7.27
CA LYS A 170 -12.19 -0.75 -7.17
C LYS A 170 -13.16 0.17 -6.43
N THR A 171 -12.61 1.08 -5.61
CA THR A 171 -13.42 2.08 -4.95
C THR A 171 -12.76 3.45 -5.07
N GLN A 172 -13.55 4.51 -4.92
CA GLN A 172 -13.05 5.86 -4.97
C GLN A 172 -13.92 6.75 -4.08
N VAL A 173 -13.27 7.53 -3.23
CA VAL A 173 -13.97 8.34 -2.28
C VAL A 173 -13.52 9.80 -2.39
N THR A 174 -14.49 10.69 -2.61
CA THR A 174 -14.25 12.15 -2.62
C THR A 174 -14.85 12.70 -1.35
N VAL A 175 -14.01 13.31 -0.53
CA VAL A 175 -14.41 13.92 0.70
C VAL A 175 -14.36 15.47 0.55
N GLN A 176 -15.37 16.12 1.11
CA GLN A 176 -15.38 17.57 1.28
C GLN A 176 -14.72 17.89 2.63
N TYR A 177 -13.66 18.69 2.56
CA TYR A 177 -12.88 19.11 3.71
C TYR A 177 -13.01 20.59 4.02
N MET A 178 -12.77 20.93 5.28
CA MET A 178 -12.39 22.28 5.65
C MET A 178 -10.94 22.27 6.12
N GLN A 179 -10.37 23.45 6.25
CA GLN A 179 -9.00 23.55 6.75
C GLN A 179 -8.93 24.46 7.97
N ASP A 180 -7.87 24.27 8.74
CA ASP A 180 -7.67 24.95 9.99
C ASP A 180 -6.19 25.17 10.21
N ASN A 181 -5.69 26.33 9.80
CA ASN A 181 -4.26 26.68 9.92
C ASN A 181 -3.33 25.58 9.41
N GLY A 182 -3.65 25.07 8.21
CA GLY A 182 -2.84 24.09 7.53
C GLY A 182 -3.27 22.66 7.76
N ALA A 183 -4.01 22.41 8.83
CA ALA A 183 -4.62 21.11 9.12
C ALA A 183 -5.90 20.97 8.29
N VAL A 184 -6.32 19.72 8.08
CA VAL A 184 -7.51 19.42 7.29
C VAL A 184 -8.51 18.60 8.13
N ILE A 185 -9.81 18.92 7.96
CA ILE A 185 -10.89 18.31 8.74
C ILE A 185 -12.02 17.84 7.81
N PRO A 186 -12.24 16.51 7.75
CA PRO A 186 -13.35 15.97 6.92
C PRO A 186 -14.72 16.46 7.38
N VAL A 187 -15.57 16.85 6.42
CA VAL A 187 -16.91 17.37 6.69
C VAL A 187 -17.98 16.38 6.20
N ARG A 188 -17.86 15.94 4.95
CA ARG A 188 -18.88 15.08 4.37
C ARG A 188 -18.34 14.32 3.19
N ILE A 189 -19.03 13.25 2.81
CA ILE A 189 -18.68 12.50 1.60
C ILE A 189 -19.39 13.14 0.43
N HIS A 190 -18.62 13.57 -0.55
CA HIS A 190 -19.13 14.24 -1.73
C HIS A 190 -19.56 13.21 -2.80
N THR A 191 -18.66 12.26 -3.11
CA THR A 191 -18.93 11.24 -4.12
C THR A 191 -18.28 9.93 -3.73
N ILE A 192 -19.00 8.82 -3.94
CA ILE A 192 -18.44 7.48 -3.86
C ILE A 192 -18.63 6.70 -5.17
N VAL A 193 -17.54 6.07 -5.63
CA VAL A 193 -17.60 5.14 -6.76
C VAL A 193 -17.28 3.74 -6.22
N ILE A 194 -18.06 2.73 -6.61
CA ILE A 194 -17.67 1.33 -6.42
C ILE A 194 -17.95 0.52 -7.68
N SER A 195 -16.90 -0.17 -8.17
CA SER A 195 -17.01 -1.16 -9.24
C SER A 195 -16.49 -2.50 -8.73
N VAL A 196 -17.30 -3.54 -8.84
CA VAL A 196 -16.87 -4.86 -8.38
C VAL A 196 -17.34 -5.93 -9.33
N GLN A 197 -16.43 -6.86 -9.62
CA GLN A 197 -16.70 -8.01 -10.48
C GLN A 197 -17.80 -8.86 -9.83
N HIS A 198 -18.66 -9.44 -10.65
CA HIS A 198 -19.83 -10.15 -10.15
C HIS A 198 -20.23 -11.30 -11.06
N ASN A 199 -21.07 -12.19 -10.55
CA ASN A 199 -21.58 -13.29 -11.34
C ASN A 199 -22.72 -12.88 -12.28
N GLU A 200 -23.19 -13.83 -13.08
CA GLU A 200 -24.17 -13.53 -14.13
C GLU A 200 -25.62 -13.66 -13.65
N ASP A 201 -25.80 -14.04 -12.39
CA ASP A 201 -27.12 -14.33 -11.85
C ASP A 201 -27.77 -13.12 -11.15
N ILE A 202 -26.96 -12.22 -10.62
CA ILE A 202 -27.42 -11.08 -9.82
C ILE A 202 -27.81 -9.88 -10.71
N THR A 203 -28.91 -9.21 -10.37
CA THR A 203 -29.31 -8.04 -11.12
C THR A 203 -28.54 -6.80 -10.68
N LEU A 204 -28.41 -5.86 -11.59
CA LEU A 204 -27.80 -4.58 -11.34
C LEU A 204 -28.47 -3.84 -10.16
N GLU A 205 -29.79 -3.87 -10.11
CA GLU A 205 -30.54 -3.15 -9.08
C GLU A 205 -30.26 -3.75 -7.68
N GLU A 206 -30.15 -5.08 -7.63
CA GLU A 206 -29.84 -5.74 -6.38
C GLU A 206 -28.39 -5.44 -5.94
N MET A 207 -27.44 -5.48 -6.88
CA MET A 207 -26.05 -5.16 -6.58
C MET A 207 -25.92 -3.73 -6.07
N ARG A 208 -26.58 -2.79 -6.73
CA ARG A 208 -26.53 -1.40 -6.32
C ARG A 208 -27.09 -1.16 -4.91
N ARG A 209 -28.20 -1.81 -4.58
CA ARG A 209 -28.76 -1.73 -3.23
C ARG A 209 -27.76 -2.27 -2.19
N ALA A 210 -27.15 -3.42 -2.48
CA ALA A 210 -26.27 -4.08 -1.52
C ALA A 210 -25.00 -3.24 -1.29
N LEU A 211 -24.52 -2.62 -2.36
CA LEU A 211 -23.33 -1.79 -2.31
C LEU A 211 -23.58 -0.55 -1.45
N LYS A 212 -24.77 0.03 -1.53
CA LYS A 212 -25.10 1.18 -0.69
C LYS A 212 -25.36 0.76 0.77
N GLU A 213 -26.23 -0.22 0.97
CA GLU A 213 -26.71 -0.55 2.30
C GLU A 213 -25.75 -1.44 3.12
N GLN A 214 -25.20 -2.46 2.48
CA GLN A 214 -24.41 -3.45 3.20
C GLN A 214 -22.91 -3.18 3.16
N VAL A 215 -22.45 -2.41 2.19
CA VAL A 215 -21.04 -2.06 2.09
C VAL A 215 -20.80 -0.60 2.54
N ILE A 216 -21.32 0.38 1.81
CA ILE A 216 -21.06 1.81 2.13
C ILE A 216 -21.59 2.23 3.51
N ARG A 217 -22.84 1.94 3.81
CA ARG A 217 -23.41 2.31 5.12
C ARG A 217 -22.77 1.56 6.31
N ALA A 218 -22.13 0.41 6.03
CA ALA A 218 -21.41 -0.35 7.06
C ALA A 218 -20.01 0.21 7.35
N VAL A 219 -19.46 0.95 6.40
CA VAL A 219 -18.07 1.40 6.46
C VAL A 219 -17.92 2.90 6.77
N VAL A 220 -18.74 3.71 6.12
CA VAL A 220 -18.64 5.14 6.25
C VAL A 220 -19.48 5.59 7.45
N PRO A 221 -18.85 6.30 8.41
CA PRO A 221 -19.63 6.90 9.50
C PRO A 221 -20.83 7.68 8.98
N ALA A 222 -22.00 7.42 9.56
CA ALA A 222 -23.27 7.94 9.06
C ALA A 222 -23.32 9.46 8.96
N LYS A 223 -22.63 10.14 9.88
CA LYS A 223 -22.55 11.61 9.89
C LYS A 223 -21.98 12.21 8.60
N TYR A 224 -21.20 11.45 7.83
CA TYR A 224 -20.57 11.98 6.60
C TYR A 224 -21.42 11.82 5.34
N LEU A 225 -22.43 10.95 5.41
CA LEU A 225 -23.31 10.65 4.29
C LEU A 225 -24.57 11.49 4.44
N ASP A 226 -25.02 12.12 3.36
CA ASP A 226 -26.27 12.89 3.39
C ASP A 226 -27.02 12.73 2.09
N GLU A 227 -28.15 13.42 1.97
CA GLU A 227 -29.01 13.38 0.80
C GLU A 227 -28.34 13.82 -0.52
N ASP A 228 -27.31 14.66 -0.43
CA ASP A 228 -26.63 15.13 -1.66
C ASP A 228 -25.38 14.33 -2.04
N THR A 229 -25.02 13.33 -1.23
CA THR A 229 -23.89 12.49 -1.56
C THR A 229 -24.17 11.79 -2.88
N VAL A 230 -23.21 11.82 -3.79
CA VAL A 230 -23.34 11.20 -5.11
C VAL A 230 -22.79 9.75 -5.05
N TYR A 231 -23.54 8.81 -5.59
CA TYR A 231 -23.17 7.40 -5.56
C TYR A 231 -23.07 6.91 -7.00
N HIS A 232 -21.87 6.48 -7.40
CA HIS A 232 -21.64 5.81 -8.68
C HIS A 232 -21.35 4.35 -8.38
N LEU A 233 -22.42 3.54 -8.34
CA LEU A 233 -22.31 2.14 -7.92
C LEU A 233 -22.51 1.26 -9.15
N GLN A 234 -21.56 0.36 -9.41
CA GLN A 234 -21.51 -0.38 -10.67
C GLN A 234 -21.81 0.51 -11.86
N PRO A 235 -21.10 1.65 -11.99
CA PRO A 235 -21.36 2.59 -13.10
C PRO A 235 -21.19 1.97 -14.49
N SER A 236 -20.37 0.93 -14.60
CA SER A 236 -20.19 0.29 -15.91
C SER A 236 -21.44 -0.45 -16.36
N GLY A 237 -22.31 -0.82 -15.40
CA GLY A 237 -23.51 -1.60 -15.71
C GLY A 237 -23.24 -3.08 -15.90
N ARG A 238 -21.98 -3.46 -16.10
CA ARG A 238 -21.61 -4.87 -16.26
C ARG A 238 -20.10 -5.08 -16.08
N PHE A 239 -19.75 -5.97 -15.15
CA PHE A 239 -18.39 -6.25 -14.75
C PHE A 239 -18.32 -7.76 -14.45
N VAL A 240 -18.61 -8.57 -15.47
CA VAL A 240 -18.53 -10.03 -15.34
C VAL A 240 -17.07 -10.49 -15.62
N ILE A 241 -16.50 -10.01 -16.72
CA ILE A 241 -15.09 -10.23 -17.02
C ILE A 241 -14.30 -9.31 -16.10
N GLY A 242 -13.37 -9.91 -15.36
CA GLY A 242 -12.57 -9.18 -14.39
C GLY A 242 -11.29 -9.94 -14.10
N GLY A 243 -10.54 -9.47 -13.11
CA GLY A 243 -9.25 -10.05 -12.79
C GLY A 243 -8.29 -9.86 -13.95
N PRO A 244 -7.24 -10.71 -14.00
CA PRO A 244 -6.27 -10.68 -15.13
C PRO A 244 -6.89 -10.83 -16.53
N GLN A 245 -8.01 -11.51 -16.63
CA GLN A 245 -8.74 -11.57 -17.89
C GLN A 245 -9.25 -10.21 -18.40
N GLY A 246 -9.64 -9.31 -17.50
CA GLY A 246 -10.11 -7.98 -17.93
C GLY A 246 -9.01 -6.95 -18.18
N ASP A 247 -7.88 -7.13 -17.52
CA ASP A 247 -6.85 -6.08 -17.47
C ASP A 247 -5.54 -6.74 -17.04
N ALA A 248 -4.47 -6.59 -17.83
CA ALA A 248 -3.13 -7.07 -17.44
C ALA A 248 -2.66 -6.38 -16.16
N GLY A 249 -2.09 -7.15 -15.26
CA GLY A 249 -1.63 -6.61 -14.01
C GLY A 249 -0.14 -6.65 -13.90
N VAL A 250 0.40 -5.73 -13.11
CA VAL A 250 1.84 -5.61 -12.90
C VAL A 250 2.15 -5.16 -11.49
N THR A 251 3.22 -5.68 -10.90
CA THR A 251 3.69 -5.26 -9.57
C THR A 251 4.12 -3.80 -9.59
N GLY A 252 3.77 -3.07 -8.54
CA GLY A 252 4.21 -1.68 -8.38
C GLY A 252 3.49 -0.67 -9.24
N ARG A 253 2.26 -0.99 -9.62
CA ARG A 253 1.41 -0.09 -10.38
C ARG A 253 0.25 0.51 -9.58
N LYS A 254 0.31 0.35 -8.27
CA LYS A 254 -0.72 0.85 -7.33
C LYS A 254 -0.03 1.57 -6.17
N ILE A 255 0.95 2.38 -6.54
CA ILE A 255 1.89 3.02 -5.64
CA ILE A 255 1.86 2.94 -5.54
C ILE A 255 1.17 4.00 -4.73
N ILE A 256 0.16 4.65 -5.30
CA ILE A 256 -0.61 5.67 -4.59
C ILE A 256 -1.70 5.08 -3.67
N VAL A 257 -2.34 4.00 -4.11
CA VAL A 257 -3.22 3.18 -3.27
C VAL A 257 -2.42 2.61 -2.09
N ASP A 258 -1.16 2.22 -2.35
CA ASP A 258 -0.32 1.62 -1.34
C ASP A 258 0.07 2.57 -0.21
N THR A 259 -0.02 3.87 -0.48
CA THR A 259 0.52 4.91 0.41
C THR A 259 -0.57 5.89 0.86
N TYR A 260 -0.67 7.07 0.24
CA TYR A 260 -1.47 8.16 0.82
C TYR A 260 -2.64 8.66 -0.01
N GLY A 261 -2.92 8.00 -1.13
CA GLY A 261 -4.13 8.29 -1.90
C GLY A 261 -4.14 9.65 -2.57
N GLY A 262 -2.96 10.17 -2.89
CA GLY A 262 -2.84 11.47 -3.53
C GLY A 262 -2.34 12.54 -2.59
N TRP A 263 -2.51 12.33 -1.30
CA TRP A 263 -1.99 13.23 -0.30
C TRP A 263 -0.49 13.04 -0.12
N GLY A 264 0.18 14.05 0.43
CA GLY A 264 1.62 13.97 0.67
C GLY A 264 2.35 14.02 -0.66
N ALA A 265 3.19 13.03 -0.91
CA ALA A 265 3.90 12.94 -2.16
C ALA A 265 4.45 11.53 -2.30
N HIS A 266 4.97 11.20 -3.48
CA HIS A 266 5.55 9.88 -3.73
C HIS A 266 6.87 10.05 -4.51
N GLY A 267 7.86 9.22 -4.20
CA GLY A 267 9.16 9.21 -4.87
C GLY A 267 9.26 8.30 -6.10
N GLY A 268 8.23 7.46 -6.31
CA GLY A 268 8.12 6.61 -7.50
C GLY A 268 8.36 5.12 -7.30
N GLY A 269 9.10 4.75 -6.27
CA GLY A 269 9.44 3.34 -6.05
C GLY A 269 8.31 2.48 -5.51
N ALA A 270 8.20 1.28 -6.08
CA ALA A 270 7.26 0.24 -5.65
C ALA A 270 7.77 -0.44 -4.37
N PHE A 271 6.86 -0.95 -3.54
CA PHE A 271 7.23 -1.69 -2.34
C PHE A 271 7.35 -3.19 -2.57
N SER A 272 6.34 -3.77 -3.23
CA SER A 272 6.20 -5.24 -3.21
C SER A 272 7.28 -6.00 -3.99
N GLY A 273 7.69 -7.14 -3.41
CA GLY A 273 8.71 -7.98 -3.97
C GLY A 273 10.14 -7.60 -3.64
N LYS A 274 10.33 -6.67 -2.70
CA LYS A 274 11.66 -6.13 -2.37
C LYS A 274 12.00 -6.32 -0.89
N ASP A 275 13.20 -6.81 -0.62
CA ASP A 275 13.75 -6.89 0.75
C ASP A 275 14.18 -5.49 1.22
N TYR A 276 14.54 -5.40 2.51
CA TYR A 276 14.80 -4.14 3.19
C TYR A 276 15.96 -3.34 2.59
N THR A 277 16.92 -3.99 1.92
CA THR A 277 18.05 -3.23 1.33
C THR A 277 17.56 -2.27 0.23
N LYS A 278 16.37 -2.55 -0.31
CA LYS A 278 15.73 -1.64 -1.25
C LYS A 278 15.06 -0.51 -0.47
N VAL A 279 15.71 0.65 -0.46
CA VAL A 279 15.21 1.83 0.28
C VAL A 279 13.86 2.35 -0.24
N ASP A 280 13.49 1.97 -1.47
CA ASP A 280 12.14 2.23 -1.99
C ASP A 280 11.09 1.79 -0.98
N ARG A 281 11.36 0.67 -0.33
CA ARG A 281 10.51 0.14 0.72
C ARG A 281 10.93 0.60 2.11
N SER A 282 12.13 0.22 2.56
CA SER A 282 12.54 0.43 3.95
C SER A 282 12.54 1.91 4.38
N ALA A 283 12.96 2.79 3.49
CA ALA A 283 13.03 4.21 3.80
C ALA A 283 11.64 4.88 3.72
N ALA A 284 10.77 4.39 2.84
CA ALA A 284 9.39 4.88 2.79
C ALA A 284 8.69 4.51 4.08
N TYR A 285 8.90 3.28 4.55
CA TYR A 285 8.38 2.82 5.82
C TYR A 285 8.91 3.65 6.99
N ALA A 286 10.23 3.87 7.04
CA ALA A 286 10.83 4.70 8.10
C ALA A 286 10.33 6.16 8.05
N ALA A 287 10.17 6.68 6.83
CA ALA A 287 9.65 8.05 6.63
C ALA A 287 8.23 8.19 7.16
N ARG A 288 7.40 7.17 6.92
CA ARG A 288 6.06 7.12 7.53
C ARG A 288 6.11 7.12 9.05
N TRP A 289 7.01 6.30 9.59
CA TRP A 289 7.21 6.18 11.03
C TRP A 289 7.67 7.51 11.67
N VAL A 290 8.59 8.21 11.00
CA VAL A 290 9.02 9.54 11.40
C VAL A 290 7.86 10.55 11.41
N ALA A 291 7.10 10.60 10.32
CA ALA A 291 5.97 11.51 10.16
C ALA A 291 4.90 11.33 11.25
N LYS A 292 4.49 10.06 11.43
CA LYS A 292 3.55 9.68 12.46
C LYS A 292 4.06 9.99 13.86
N SER A 293 5.33 9.72 14.13
CA SER A 293 5.91 10.03 15.45
C SER A 293 5.89 11.54 15.74
N LEU A 294 6.14 12.36 14.71
CA LEU A 294 6.07 13.83 14.86
C LEU A 294 4.65 14.34 15.18
N VAL A 295 3.63 13.78 14.51
CA VAL A 295 2.25 14.14 14.80
C VAL A 295 1.85 13.65 16.21
N LYS A 296 2.22 12.43 16.54
CA LYS A 296 1.87 11.85 17.84
C LYS A 296 2.66 12.44 18.99
N ALA A 297 3.81 13.06 18.69
CA ALA A 297 4.51 13.88 19.69
C ALA A 297 3.84 15.22 19.94
N GLY A 298 2.87 15.61 19.11
CA GLY A 298 2.21 16.93 19.25
C GLY A 298 3.05 18.07 18.68
N LEU A 299 4.02 17.74 17.83
CA LEU A 299 4.89 18.73 17.20
C LEU A 299 4.33 19.34 15.92
N CYS A 300 3.31 18.72 15.36
CA CYS A 300 2.64 19.22 14.15
C CYS A 300 1.30 18.52 14.01
N ARG A 301 0.45 19.04 13.13
CA ARG A 301 -0.84 18.41 12.81
C ARG A 301 -0.78 17.62 11.49
N ARG A 302 0.09 18.05 10.59
CA ARG A 302 0.30 17.48 9.28
C ARG A 302 1.78 17.59 8.98
N VAL A 303 2.34 16.57 8.34
CA VAL A 303 3.75 16.64 7.99
C VAL A 303 4.11 15.73 6.81
N LEU A 304 5.02 16.24 5.97
CA LEU A 304 5.61 15.52 4.86
C LEU A 304 7.13 15.47 5.10
N VAL A 305 7.68 14.27 5.04
CA VAL A 305 9.11 14.03 5.20
C VAL A 305 9.66 13.51 3.86
N GLN A 306 10.71 14.13 3.35
CA GLN A 306 11.45 13.56 2.21
C GLN A 306 12.84 13.11 2.65
N VAL A 307 13.24 11.94 2.16
CA VAL A 307 14.60 11.45 2.34
C VAL A 307 15.10 10.95 0.97
N SER A 308 16.41 10.94 0.77
CA SER A 308 16.96 10.40 -0.45
C SER A 308 18.36 9.75 -0.25
N TYR A 309 18.71 8.92 -1.22
CA TYR A 309 19.88 8.03 -1.11
C TYR A 309 20.66 7.96 -2.43
N ALA A 310 21.92 7.54 -2.34
CA ALA A 310 22.70 7.08 -3.50
C ALA A 310 23.00 5.60 -3.31
N ILE A 311 23.02 4.87 -4.42
CA ILE A 311 23.32 3.44 -4.36
C ILE A 311 24.68 3.20 -3.65
N GLY A 312 24.69 2.24 -2.71
CA GLY A 312 25.91 1.87 -2.05
C GLY A 312 26.26 2.74 -0.86
N VAL A 313 25.57 3.86 -0.68
CA VAL A 313 25.82 4.77 0.44
C VAL A 313 24.72 4.57 1.49
N ALA A 314 25.13 4.29 2.72
CA ALA A 314 24.19 4.01 3.82
C ALA A 314 23.43 5.25 4.30
N GLU A 315 24.16 6.35 4.51
CA GLU A 315 23.58 7.59 5.01
C GLU A 315 22.73 8.32 3.94
N PRO A 316 21.50 8.74 4.32
CA PRO A 316 20.70 9.58 3.44
C PRO A 316 21.46 10.82 2.98
N LEU A 317 21.31 11.15 1.70
CA LEU A 317 21.88 12.34 1.11
C LEU A 317 21.27 13.62 1.69
N SER A 318 19.95 13.60 1.90
CA SER A 318 19.18 14.75 2.36
C SER A 318 17.95 14.26 3.08
N ILE A 319 17.51 15.04 4.06
CA ILE A 319 16.24 14.84 4.74
C ILE A 319 15.58 16.22 4.80
N SER A 320 14.28 16.28 4.47
CA SER A 320 13.51 17.53 4.53
C SER A 320 12.16 17.32 5.22
N ILE A 321 11.72 18.35 5.95
CA ILE A 321 10.50 18.29 6.78
C ILE A 321 9.61 19.47 6.43
N PHE A 322 8.37 19.17 6.05
CA PHE A 322 7.39 20.19 5.67
C PHE A 322 6.13 19.99 6.53
N THR A 323 5.72 21.02 7.26
CA THR A 323 4.63 20.90 8.23
C THR A 323 3.33 21.68 7.86
N TYR A 324 3.29 22.27 6.68
CA TYR A 324 2.11 22.95 6.16
C TYR A 324 1.63 24.13 7.03
N GLY A 325 2.55 24.74 7.77
CA GLY A 325 2.19 25.78 8.73
C GLY A 325 1.59 25.24 10.02
N THR A 326 1.70 23.93 10.27
CA THR A 326 1.04 23.33 11.42
C THR A 326 1.95 23.08 12.64
N SER A 327 3.20 23.53 12.58
CA SER A 327 4.12 23.30 13.69
C SER A 327 4.44 24.64 14.32
N GLN A 328 4.67 24.61 15.63
CA GLN A 328 5.17 25.78 16.36
C GLN A 328 6.69 25.89 16.18
N LYS A 329 7.38 24.77 16.30
CA LYS A 329 8.81 24.71 15.99
C LYS A 329 8.99 24.85 14.47
N THR A 330 10.15 25.37 14.08
CA THR A 330 10.44 25.58 12.69
C THR A 330 10.73 24.21 12.09
N GLU A 331 10.66 24.14 10.76
CA GLU A 331 10.93 22.91 10.05
C GLU A 331 12.39 22.49 10.22
N ARG A 332 13.30 23.47 10.30
CA ARG A 332 14.69 23.24 10.64
C ARG A 332 14.88 22.68 12.07
N GLU A 333 14.16 23.20 13.05
CA GLU A 333 14.19 22.65 14.42
C GLU A 333 13.68 21.22 14.48
N LEU A 334 12.67 20.92 13.69
CA LEU A 334 12.10 19.56 13.62
C LEU A 334 13.05 18.56 12.96
N LEU A 335 13.80 19.04 11.96
CA LEU A 335 14.85 18.24 11.34
C LEU A 335 15.92 17.87 12.36
N ASP A 336 16.25 18.80 13.25
CA ASP A 336 17.15 18.49 14.39
C ASP A 336 16.55 17.46 15.34
N VAL A 337 15.25 17.57 15.62
CA VAL A 337 14.54 16.55 16.41
C VAL A 337 14.61 15.15 15.76
N VAL A 338 14.43 15.11 14.43
CA VAL A 338 14.49 13.86 13.68
C VAL A 338 15.90 13.27 13.71
N HIS A 339 16.92 14.09 13.48
CA HIS A 339 18.32 13.66 13.60
C HIS A 339 18.67 13.10 14.98
N LYS A 340 18.13 13.72 16.04
CA LYS A 340 18.40 13.25 17.41
C LYS A 340 17.69 11.95 17.74
N ASN A 341 16.59 11.64 17.04
CA ASN A 341 15.73 10.54 17.43
C ASN A 341 15.66 9.36 16.46
N PHE A 342 16.23 9.52 15.26
CA PHE A 342 16.15 8.46 14.24
C PHE A 342 17.47 8.28 13.49
N ASP A 343 17.73 7.05 13.04
CA ASP A 343 18.90 6.74 12.20
C ASP A 343 18.35 6.04 10.93
N LEU A 344 18.35 6.78 9.81
CA LEU A 344 17.67 6.34 8.61
C LEU A 344 18.59 5.63 7.61
N ARG A 345 19.69 5.09 8.12
CA ARG A 345 20.46 4.09 7.36
C ARG A 345 19.64 2.80 7.28
N PRO A 346 19.58 2.16 6.12
CA PRO A 346 18.76 0.97 5.99
C PRO A 346 19.14 -0.15 6.96
N GLY A 347 20.43 -0.24 7.30
CA GLY A 347 20.92 -1.24 8.22
C GLY A 347 20.57 -0.96 9.68
N VAL A 348 20.07 0.24 9.97
CA VAL A 348 19.47 0.52 11.30
C VAL A 348 17.94 0.42 11.27
N ILE A 349 17.34 0.97 10.23
CA ILE A 349 15.92 0.80 9.97
C ILE A 349 15.47 -0.69 10.07
N VAL A 350 16.26 -1.59 9.48
CA VAL A 350 15.92 -3.03 9.48
C VAL A 350 15.75 -3.55 10.91
N ARG A 351 16.56 -3.01 11.82
CA ARG A 351 16.53 -3.38 13.24
C ARG A 351 15.30 -2.76 13.90
N ASP A 352 15.12 -1.44 13.72
CA ASP A 352 14.04 -0.73 14.39
C ASP A 352 12.66 -1.24 13.98
N LEU A 353 12.51 -1.60 12.70
CA LEU A 353 11.20 -1.98 12.16
C LEU A 353 11.08 -3.46 11.84
N ASP A 354 12.10 -4.24 12.19
CA ASP A 354 12.05 -5.72 12.13
C ASP A 354 11.77 -6.23 10.71
N LEU A 355 12.49 -5.68 9.74
CA LEU A 355 12.12 -5.79 8.34
C LEU A 355 12.56 -7.08 7.64
N LYS A 356 13.16 -8.01 8.37
CA LYS A 356 13.36 -9.38 7.87
C LYS A 356 12.20 -10.34 8.23
N LYS A 357 11.20 -9.84 8.97
CA LYS A 357 10.04 -10.67 9.33
C LYS A 357 9.13 -10.89 8.13
N PRO A 358 8.71 -12.14 7.89
CA PRO A 358 7.88 -12.44 6.72
C PRO A 358 6.41 -12.01 6.86
N ILE A 359 6.17 -10.70 6.92
CA ILE A 359 4.80 -10.14 7.04
C ILE A 359 4.39 -9.32 5.82
N TYR A 360 5.16 -9.45 4.75
CA TYR A 360 4.98 -8.56 3.60
C TYR A 360 3.75 -8.81 2.76
N GLN A 361 3.31 -10.06 2.63
CA GLN A 361 2.06 -10.30 1.88
C GLN A 361 0.86 -9.56 2.50
N LYS A 362 0.84 -9.43 3.83
CA LYS A 362 -0.19 -8.66 4.54
C LYS A 362 -0.20 -7.19 4.15
N THR A 363 0.93 -6.63 3.74
CA THR A 363 1.02 -5.23 3.37
C THR A 363 0.49 -4.94 1.95
N ALA A 364 0.46 -5.97 1.10
CA ALA A 364 0.31 -5.82 -0.35
C ALA A 364 -1.13 -5.63 -0.85
N CYS A 365 -2.10 -5.63 0.05
CA CYS A 365 -3.46 -5.08 -0.24
C CYS A 365 -3.99 -4.29 0.95
N TYR A 366 -4.82 -3.30 0.67
CA TYR A 366 -5.45 -2.45 1.72
C TYR A 366 -4.52 -1.40 2.34
N GLY A 367 -3.38 -1.14 1.70
CA GLY A 367 -2.52 -0.04 2.11
C GLY A 367 -1.41 -0.50 3.04
N HIS A 368 -0.23 0.04 2.83
CA HIS A 368 0.91 -0.26 3.67
C HIS A 368 0.90 0.58 4.95
N PHE A 369 0.14 1.67 4.91
CA PHE A 369 0.06 2.61 6.04
C PHE A 369 -1.36 2.75 6.59
N GLY A 370 -1.45 2.98 7.89
CA GLY A 370 -2.71 3.17 8.58
C GLY A 370 -3.08 2.00 9.48
N ARG A 371 -2.55 0.81 9.20
CA ARG A 371 -2.93 -0.39 9.95
C ARG A 371 -2.01 -0.68 11.14
N SER A 372 -2.62 -0.99 12.29
CA SER A 372 -1.92 -0.87 13.57
C SER A 372 -0.86 -1.96 13.82
N GLU A 373 -0.98 -3.09 13.14
CA GLU A 373 -0.07 -4.22 13.35
C GLU A 373 1.36 -4.03 12.82
N PHE A 374 1.60 -3.08 11.92
CA PHE A 374 2.93 -2.93 11.36
C PHE A 374 3.81 -2.00 12.24
N PRO A 375 5.09 -2.38 12.44
CA PRO A 375 6.00 -1.60 13.31
C PRO A 375 6.16 -0.11 12.99
N TRP A 376 6.09 0.23 11.71
CA TRP A 376 6.24 1.63 11.28
C TRP A 376 4.99 2.45 11.65
N GLU A 377 3.97 1.77 12.16
CA GLU A 377 2.76 2.43 12.65
C GLU A 377 2.74 2.60 14.15
N VAL A 378 3.75 2.07 14.84
CA VAL A 378 3.88 2.32 16.26
C VAL A 378 4.80 3.53 16.43
N PRO A 379 4.23 4.69 16.80
CA PRO A 379 5.09 5.86 16.98
C PRO A 379 6.24 5.68 17.98
N ARG A 380 7.38 6.27 17.64
CA ARG A 380 8.50 6.36 18.58
C ARG A 380 8.32 7.56 19.50
N LYS A 381 8.57 7.36 20.80
CA LYS A 381 8.62 8.44 21.78
C LYS A 381 9.84 9.32 21.49
N LEU A 382 9.58 10.60 21.25
CA LEU A 382 10.63 11.55 20.92
C LEU A 382 11.18 12.30 22.15
N VAL A 383 12.50 12.46 22.18
CA VAL A 383 13.17 13.33 23.12
C VAL A 383 13.46 14.66 22.40
N PHE A 384 12.98 15.75 23.00
CA PHE A 384 13.14 17.09 22.45
C PHE A 384 12.86 18.14 23.54
#